data_9OBC
#
_entry.id   9OBC
#
_cell.length_a   69.781
_cell.length_b   69.781
_cell.length_c   315.843
_cell.angle_alpha   90.00
_cell.angle_beta   90.00
_cell.angle_gamma   120.00
#
_symmetry.space_group_name_H-M   'P 65 2 2'
#
loop_
_entity.id
_entity.type
_entity.pdbx_description
1 polymer 'nucleoside-diphosphate kinase'
2 non-polymer "ADENOSINE-5'-DIPHOSPHATE"
3 non-polymer 'MAGNESIUM ION'
4 water water
#
_entity_poly.entity_id   1
_entity_poly.type   'polypeptide(L)'
_entity_poly.pdbx_seq_one_letter_code
;MAHHHHHHVEQTYLMIKPDGIQRQVVGEIISRFEKRGYRIAAMKLTIATPAILEEHYAEHKGKPFLPGLIEKMTGPVLCM
VFEGVDVIAQARKMMGSTRPGEAAPGTIRADFCQQAGRNLIHGSDSAESAKREISLWFKPEEIQSYKLALSDYIFE
;
_entity_poly.pdbx_strand_id   A,B,C
#
# COMPACT_ATOMS: atom_id res chain seq x y z
N HIS A 8 -18.92 16.44 -10.09
CA HIS A 8 -19.62 15.50 -10.96
C HIS A 8 -18.90 14.14 -10.99
N VAL A 9 -19.64 13.07 -10.86
CA VAL A 9 -19.05 11.75 -10.94
C VAL A 9 -19.06 11.28 -12.39
N GLU A 10 -18.24 10.27 -12.67
CA GLU A 10 -18.28 9.57 -13.94
C GLU A 10 -18.28 8.08 -13.65
N GLN A 11 -18.38 7.27 -14.72
CA GLN A 11 -18.38 5.82 -14.61
C GLN A 11 -17.29 5.22 -15.50
N THR A 12 -16.59 4.23 -14.98
CA THR A 12 -15.58 3.53 -15.73
C THR A 12 -15.87 2.04 -15.81
N TYR A 13 -15.32 1.40 -16.85
CA TYR A 13 -15.44 -0.03 -17.02
C TYR A 13 -14.18 -0.68 -16.50
N LEU A 14 -14.34 -1.59 -15.54
CA LEU A 14 -13.24 -2.34 -14.97
C LEU A 14 -13.55 -3.83 -15.14
N MET A 15 -12.56 -4.62 -15.55
CA MET A 15 -12.80 -6.04 -15.81
C MET A 15 -11.71 -6.86 -15.14
N ILE A 16 -12.10 -7.78 -14.26
CA ILE A 16 -11.16 -8.70 -13.66
C ILE A 16 -10.89 -9.81 -14.69
N LYS A 17 -9.60 -9.97 -15.05
CA LYS A 17 -9.19 -10.91 -16.08
C LYS A 17 -9.18 -12.32 -15.53
N PRO A 18 -9.03 -13.32 -16.39
CA PRO A 18 -9.12 -14.71 -15.89
C PRO A 18 -8.13 -15.02 -14.80
N ASP A 19 -6.94 -14.37 -14.78
CA ASP A 19 -6.02 -14.62 -13.70
C ASP A 19 -6.55 -14.10 -12.38
N GLY A 20 -7.30 -13.00 -12.38
CA GLY A 20 -7.90 -12.55 -11.13
C GLY A 20 -8.97 -13.51 -10.60
N ILE A 21 -9.74 -14.11 -11.50
CA ILE A 21 -10.73 -15.11 -11.12
C ILE A 21 -10.03 -16.35 -10.56
N GLN A 22 -9.04 -16.85 -11.30
CA GLN A 22 -8.43 -18.15 -11.00
C GLN A 22 -7.54 -18.08 -9.78
N ARG A 23 -6.92 -16.94 -9.54
CA ARG A 23 -6.14 -16.78 -8.30
C ARG A 23 -7.03 -16.41 -7.11
N GLN A 24 -8.32 -16.24 -7.35
CA GLN A 24 -9.34 -16.06 -6.31
C GLN A 24 -9.05 -14.82 -5.46
N VAL A 25 -8.84 -13.70 -6.13
CA VAL A 25 -8.64 -12.39 -5.52
C VAL A 25 -9.72 -11.39 -5.93
N VAL A 26 -10.86 -11.91 -6.41
CA VAL A 26 -11.96 -11.03 -6.83
C VAL A 26 -12.39 -10.11 -5.69
N GLY A 27 -12.64 -10.69 -4.53
CA GLY A 27 -13.10 -9.89 -3.40
C GLY A 27 -12.11 -8.83 -3.01
N GLU A 28 -10.82 -9.17 -3.00
CA GLU A 28 -9.81 -8.17 -2.63
C GLU A 28 -9.80 -7.00 -3.63
N ILE A 29 -9.95 -7.29 -4.92
CA ILE A 29 -9.97 -6.24 -5.92
C ILE A 29 -11.17 -5.33 -5.69
N ILE A 30 -12.35 -5.92 -5.55
CA ILE A 30 -13.55 -5.12 -5.32
C ILE A 30 -13.38 -4.26 -4.07
N SER A 31 -12.83 -4.82 -2.99
CA SER A 31 -12.66 -4.05 -1.77
C SER A 31 -11.80 -2.81 -1.98
N ARG A 32 -10.78 -2.88 -2.85
CA ARG A 32 -9.93 -1.70 -3.04
C ARG A 32 -10.74 -0.53 -3.60
N PHE A 33 -11.68 -0.80 -4.50
CA PHE A 33 -12.50 0.27 -5.08
C PHE A 33 -13.59 0.71 -4.11
N GLU A 34 -14.21 -0.23 -3.41
CA GLU A 34 -15.19 0.13 -2.38
C GLU A 34 -14.58 1.01 -1.31
N LYS A 35 -13.29 0.79 -1.01
CA LYS A 35 -12.64 1.51 0.07
C LYS A 35 -12.63 3.01 -0.16
N ARG A 36 -12.64 3.47 -1.42
CA ARG A 36 -12.65 4.90 -1.72
C ARG A 36 -14.06 5.44 -1.84
N GLY A 37 -15.07 4.64 -1.53
CA GLY A 37 -16.43 5.11 -1.70
C GLY A 37 -16.91 5.10 -3.14
N TYR A 38 -16.23 4.35 -4.00
CA TYR A 38 -16.71 4.17 -5.35
C TYR A 38 -17.91 3.23 -5.34
N ARG A 39 -18.91 3.56 -6.12
CA ARG A 39 -20.17 2.84 -6.14
C ARG A 39 -20.18 1.79 -7.24
N ILE A 40 -20.59 0.58 -6.87
CA ILE A 40 -20.81 -0.47 -7.86
C ILE A 40 -22.10 -0.15 -8.62
N ALA A 41 -21.98 0.17 -9.92
CA ALA A 41 -23.14 0.43 -10.75
C ALA A 41 -23.55 -0.76 -11.61
N ALA A 42 -22.62 -1.66 -11.89
CA ALA A 42 -22.95 -2.87 -12.62
C ALA A 42 -21.90 -3.92 -12.32
N MET A 43 -22.30 -5.19 -12.44
CA MET A 43 -21.40 -6.30 -12.14
C MET A 43 -21.96 -7.56 -12.78
N LYS A 44 -21.11 -8.28 -13.50
CA LYS A 44 -21.55 -9.48 -14.20
C LYS A 44 -20.38 -10.43 -14.39
N LEU A 45 -20.52 -11.68 -13.98
CA LEU A 45 -19.58 -12.72 -14.36
C LEU A 45 -19.97 -13.29 -15.71
N THR A 46 -19.02 -13.36 -16.63
CA THR A 46 -19.23 -14.03 -17.90
C THR A 46 -17.96 -14.76 -18.29
N ILE A 47 -18.00 -15.47 -19.42
CA ILE A 47 -16.80 -16.05 -20.02
C ILE A 47 -16.55 -15.30 -21.32
N ALA A 48 -15.42 -14.60 -21.37
CA ALA A 48 -15.05 -13.82 -22.54
C ALA A 48 -14.70 -14.73 -23.69
N THR A 49 -15.15 -14.34 -24.88
CA THR A 49 -14.95 -15.08 -26.12
C THR A 49 -14.15 -14.22 -27.08
N PRO A 50 -13.47 -14.85 -28.05
CA PRO A 50 -12.66 -14.05 -28.97
C PRO A 50 -13.43 -12.97 -29.69
N ALA A 51 -14.68 -13.20 -30.09
CA ALA A 51 -15.38 -12.19 -30.86
C ALA A 51 -15.57 -10.91 -30.05
N ILE A 52 -16.01 -11.03 -28.80
CA ILE A 52 -16.20 -9.83 -28.01
C ILE A 52 -14.87 -9.20 -27.64
N LEU A 53 -13.86 -10.03 -27.36
CA LEU A 53 -12.54 -9.50 -27.01
C LEU A 53 -11.92 -8.75 -28.16
N GLU A 54 -12.17 -9.20 -29.39
CA GLU A 54 -11.69 -8.49 -30.56
C GLU A 54 -12.24 -7.08 -30.63
N GLU A 55 -13.52 -6.92 -30.29
CA GLU A 55 -14.09 -5.57 -30.26
C GLU A 55 -13.56 -4.79 -29.07
N HIS A 56 -13.44 -5.44 -27.92
CA HIS A 56 -12.92 -4.76 -26.74
C HIS A 56 -11.53 -4.19 -27.00
N TYR A 57 -10.65 -4.98 -27.61
CA TYR A 57 -9.27 -4.61 -27.85
C TYR A 57 -9.04 -4.17 -29.30
N ALA A 58 -10.04 -3.53 -29.89
CA ALA A 58 -9.96 -3.13 -31.29
C ALA A 58 -8.79 -2.18 -31.54
N GLU A 59 -8.40 -1.39 -30.53
CA GLU A 59 -7.29 -0.46 -30.76
C GLU A 59 -5.97 -1.19 -31.00
N HIS A 60 -5.88 -2.45 -30.57
CA HIS A 60 -4.66 -3.21 -30.68
C HIS A 60 -4.60 -4.08 -31.91
N LYS A 61 -5.57 -3.93 -32.81
CA LYS A 61 -5.54 -4.68 -34.05
C LYS A 61 -4.17 -4.60 -34.71
N GLY A 62 -3.67 -5.75 -35.15
CA GLY A 62 -2.41 -5.84 -35.85
C GLY A 62 -1.18 -5.97 -34.96
N LYS A 63 -1.29 -5.65 -33.68
CA LYS A 63 -0.11 -5.61 -32.83
C LYS A 63 0.36 -7.03 -32.49
N PRO A 64 1.67 -7.21 -32.29
CA PRO A 64 2.19 -8.58 -32.15
C PRO A 64 1.64 -9.32 -30.95
N PHE A 65 1.26 -8.62 -29.89
CA PHE A 65 0.80 -9.30 -28.71
C PHE A 65 -0.70 -9.61 -28.75
N LEU A 66 -1.43 -9.19 -29.80
CA LEU A 66 -2.89 -9.29 -29.73
C LEU A 66 -3.36 -10.75 -29.70
N PRO A 67 -2.86 -11.63 -30.57
CA PRO A 67 -3.38 -13.02 -30.51
C PRO A 67 -3.16 -13.68 -29.17
N GLY A 68 -2.00 -13.45 -28.54
CA GLY A 68 -1.77 -14.03 -27.23
C GLY A 68 -2.62 -13.38 -26.16
N LEU A 69 -2.89 -12.09 -26.32
CA LEU A 69 -3.78 -11.40 -25.39
C LEU A 69 -5.19 -11.97 -25.47
N ILE A 70 -5.69 -12.22 -26.68
CA ILE A 70 -7.04 -12.77 -26.82
CA ILE A 70 -7.03 -12.78 -26.82
C ILE A 70 -7.09 -14.17 -26.20
N GLU A 71 -6.03 -14.97 -26.41
CA GLU A 71 -6.00 -16.30 -25.83
C GLU A 71 -6.01 -16.25 -24.31
N LYS A 72 -5.17 -15.39 -23.73
CA LYS A 72 -5.08 -15.33 -22.27
C LYS A 72 -6.36 -14.80 -21.67
N MET A 73 -7.12 -14.01 -22.44
CA MET A 73 -8.37 -13.41 -21.96
C MET A 73 -9.59 -14.28 -22.23
N THR A 74 -9.43 -15.38 -22.94
CA THR A 74 -10.55 -16.29 -23.20
C THR A 74 -10.74 -17.16 -21.97
N GLY A 75 -11.68 -16.76 -21.12
CA GLY A 75 -11.85 -17.37 -19.84
C GLY A 75 -12.82 -16.53 -19.03
N PRO A 76 -13.09 -16.96 -17.80
CA PRO A 76 -14.02 -16.20 -16.96
C PRO A 76 -13.47 -14.81 -16.66
N VAL A 77 -14.36 -13.83 -16.70
CA VAL A 77 -14.04 -12.44 -16.36
C VAL A 77 -15.17 -11.88 -15.51
N LEU A 78 -14.85 -10.91 -14.68
CA LEU A 78 -15.88 -10.15 -13.95
C LEU A 78 -15.95 -8.74 -14.56
N CYS A 79 -17.05 -8.46 -15.24
CA CYS A 79 -17.34 -7.14 -15.79
C CYS A 79 -17.85 -6.24 -14.69
N MET A 80 -17.33 -5.03 -14.58
CA MET A 80 -17.75 -4.14 -13.51
C MET A 80 -17.85 -2.72 -14.03
N VAL A 81 -18.79 -1.96 -13.47
CA VAL A 81 -18.82 -0.51 -13.66
C VAL A 81 -18.77 0.11 -12.27
N PHE A 82 -17.80 1.01 -12.05
CA PHE A 82 -17.68 1.78 -10.83
C PHE A 82 -17.88 3.26 -11.10
N GLU A 83 -18.48 3.95 -10.14
CA GLU A 83 -18.81 5.36 -10.27
C GLU A 83 -18.10 6.15 -9.19
N GLY A 84 -17.54 7.29 -9.55
CA GLY A 84 -16.91 8.16 -8.58
C GLY A 84 -16.34 9.39 -9.27
N VAL A 85 -15.81 10.28 -8.44
CA VAL A 85 -15.17 11.50 -8.94
C VAL A 85 -13.90 11.09 -9.66
N ASP A 86 -13.78 11.48 -10.93
CA ASP A 86 -12.55 11.23 -11.66
C ASP A 86 -12.20 9.74 -11.68
N VAL A 87 -13.21 8.87 -11.64
CA VAL A 87 -12.90 7.46 -11.38
C VAL A 87 -12.19 6.82 -12.57
N ILE A 88 -12.34 7.33 -13.80
CA ILE A 88 -11.63 6.71 -14.92
C ILE A 88 -10.12 6.80 -14.70
N ALA A 89 -9.60 8.02 -14.56
CA ALA A 89 -8.18 8.18 -14.32
C ALA A 89 -7.74 7.58 -12.98
N GLN A 90 -8.57 7.73 -11.96
CA GLN A 90 -8.18 7.25 -10.64
C GLN A 90 -8.06 5.72 -10.63
N ALA A 91 -9.02 5.01 -11.24
CA ALA A 91 -8.91 3.56 -11.29
C ALA A 91 -7.67 3.13 -12.05
N ARG A 92 -7.32 3.85 -13.13
CA ARG A 92 -6.10 3.54 -13.85
C ARG A 92 -4.86 3.71 -12.96
N LYS A 93 -4.84 4.77 -12.16
CA LYS A 93 -3.76 4.97 -11.21
C LYS A 93 -3.69 3.84 -10.18
N MET A 94 -4.84 3.36 -9.72
CA MET A 94 -4.88 2.28 -8.74
C MET A 94 -4.42 0.96 -9.33
N MET A 95 -4.72 0.74 -10.60
CA MET A 95 -4.25 -0.46 -11.28
C MET A 95 -2.74 -0.50 -11.39
N GLY A 96 -2.15 0.64 -11.75
CA GLY A 96 -0.72 0.74 -11.99
C GLY A 96 -0.36 0.42 -13.44
N SER A 97 0.93 0.60 -13.73
CA SER A 97 1.46 0.41 -15.08
CA SER A 97 1.39 0.45 -15.10
C SER A 97 1.15 -0.96 -15.64
N THR A 98 1.08 -1.03 -16.98
CA THR A 98 0.86 -2.30 -17.68
C THR A 98 1.81 -3.40 -17.20
N ARG A 99 3.10 -3.08 -17.11
CA ARG A 99 4.07 -4.00 -16.54
C ARG A 99 4.01 -3.94 -15.02
N PRO A 100 3.65 -5.03 -14.34
CA PRO A 100 3.69 -5.01 -12.88
C PRO A 100 5.01 -4.61 -12.28
N GLY A 101 6.11 -4.96 -12.93
CA GLY A 101 7.43 -4.61 -12.43
C GLY A 101 7.71 -3.13 -12.43
N GLU A 102 7.00 -2.36 -13.25
CA GLU A 102 7.13 -0.91 -13.30
C GLU A 102 6.07 -0.20 -12.46
N ALA A 103 5.04 -0.91 -12.02
CA ALA A 103 3.93 -0.29 -11.32
C ALA A 103 4.35 0.13 -9.91
N ALA A 104 3.68 1.17 -9.41
CA ALA A 104 4.04 1.73 -8.12
C ALA A 104 3.64 0.80 -6.98
N PRO A 105 4.45 0.69 -5.92
CA PRO A 105 3.98 -0.07 -4.74
C PRO A 105 2.65 0.49 -4.30
N GLY A 106 1.77 -0.40 -3.88
CA GLY A 106 0.42 -0.02 -3.50
C GLY A 106 -0.61 -0.10 -4.61
N THR A 107 -0.18 -0.29 -5.85
CA THR A 107 -1.14 -0.50 -6.93
C THR A 107 -1.46 -1.98 -7.06
N ILE A 108 -2.59 -2.27 -7.72
CA ILE A 108 -3.03 -3.66 -7.87
C ILE A 108 -1.98 -4.47 -8.61
N ARG A 109 -1.52 -3.97 -9.75
CA ARG A 109 -0.58 -4.78 -10.53
C ARG A 109 0.75 -4.98 -9.81
N ALA A 110 1.24 -3.99 -9.07
CA ALA A 110 2.49 -4.20 -8.34
C ALA A 110 2.32 -5.16 -7.17
N ASP A 111 1.15 -5.12 -6.53
CA ASP A 111 0.97 -5.90 -5.30
C ASP A 111 0.66 -7.37 -5.59
N PHE A 112 0.12 -7.67 -6.78
CA PHE A 112 -0.36 -9.01 -7.10
C PHE A 112 0.37 -9.72 -8.22
N CYS A 113 1.10 -9.01 -9.11
CA CYS A 113 1.48 -9.60 -10.39
C CYS A 113 2.97 -9.44 -10.69
N GLN A 114 3.41 -10.15 -11.73
CA GLN A 114 4.79 -10.16 -12.18
C GLN A 114 4.98 -9.69 -13.61
N GLN A 115 4.09 -10.06 -14.53
CA GLN A 115 4.30 -9.81 -15.95
C GLN A 115 3.08 -9.19 -16.61
N ALA A 116 3.35 -8.41 -17.67
CA ALA A 116 2.28 -7.67 -18.34
C ALA A 116 1.16 -8.58 -18.83
N GLY A 117 1.52 -9.77 -19.33
CA GLY A 117 0.52 -10.64 -19.90
C GLY A 117 -0.40 -11.29 -18.88
N ARG A 118 -0.06 -11.20 -17.60
CA ARG A 118 -0.94 -11.68 -16.51
C ARG A 118 -0.98 -10.58 -15.45
N ASN A 119 -1.71 -9.52 -15.76
CA ASN A 119 -1.74 -8.33 -14.91
C ASN A 119 -3.14 -8.02 -14.39
N LEU A 120 -3.99 -9.05 -14.25
CA LEU A 120 -5.12 -9.12 -13.33
C LEU A 120 -6.39 -8.36 -13.70
N ILE A 121 -6.27 -7.19 -14.31
CA ILE A 121 -7.38 -6.25 -14.37
C ILE A 121 -7.19 -5.34 -15.56
N HIS A 122 -8.32 -5.01 -16.18
CA HIS A 122 -8.47 -4.02 -17.23
C HIS A 122 -9.28 -2.84 -16.71
N GLY A 123 -8.91 -1.63 -17.12
CA GLY A 123 -9.73 -0.46 -16.85
C GLY A 123 -9.72 0.49 -18.03
N SER A 124 -10.86 1.16 -18.24
CA SER A 124 -10.95 2.12 -19.34
C SER A 124 -9.90 3.22 -19.20
N ASP A 125 -9.39 3.69 -20.34
CA ASP A 125 -8.31 4.68 -20.28
C ASP A 125 -8.76 6.10 -20.55
N SER A 126 -10.04 6.31 -20.87
CA SER A 126 -10.53 7.64 -21.20
C SER A 126 -12.05 7.65 -21.13
N ALA A 127 -12.63 8.85 -21.20
CA ALA A 127 -14.07 8.95 -21.17
C ALA A 127 -14.69 8.24 -22.37
N GLU A 128 -14.10 8.40 -23.55
CA GLU A 128 -14.65 7.78 -24.74
C GLU A 128 -14.58 6.27 -24.67
N SER A 129 -13.44 5.73 -24.21
CA SER A 129 -13.30 4.28 -24.12
CA SER A 129 -13.29 4.29 -24.11
C SER A 129 -14.20 3.72 -23.03
N ALA A 130 -14.40 4.46 -21.94
CA ALA A 130 -15.32 3.98 -20.92
C ALA A 130 -16.74 3.87 -21.47
N LYS A 131 -17.20 4.86 -22.21
CA LYS A 131 -18.54 4.78 -22.79
C LYS A 131 -18.65 3.57 -23.71
N ARG A 132 -17.64 3.39 -24.57
CA ARG A 132 -17.69 2.29 -25.53
C ARG A 132 -17.65 0.93 -24.86
N GLU A 133 -16.80 0.79 -23.84
CA GLU A 133 -16.63 -0.51 -23.18
C GLU A 133 -17.84 -0.83 -22.31
N ILE A 134 -18.39 0.16 -21.60
CA ILE A 134 -19.60 -0.10 -20.85
C ILE A 134 -20.72 -0.59 -21.77
N SER A 135 -20.85 0.03 -22.96
CA SER A 135 -21.90 -0.38 -23.90
C SER A 135 -21.61 -1.75 -24.51
N LEU A 136 -20.34 -2.11 -24.66
CA LEU A 136 -20.00 -3.41 -25.23
C LEU A 136 -20.39 -4.55 -24.32
N TRP A 137 -20.13 -4.41 -23.03
CA TRP A 137 -20.28 -5.51 -22.10
C TRP A 137 -21.58 -5.50 -21.32
N PHE A 138 -22.28 -4.36 -21.26
CA PHE A 138 -23.53 -4.24 -20.51
C PHE A 138 -24.63 -3.66 -21.38
N LYS A 139 -25.84 -4.19 -21.24
CA LYS A 139 -27.00 -3.49 -21.73
C LYS A 139 -27.40 -2.40 -20.75
N PRO A 140 -28.07 -1.35 -21.21
CA PRO A 140 -28.39 -0.24 -20.29
C PRO A 140 -29.23 -0.68 -19.09
N GLU A 141 -30.12 -1.67 -19.27
CA GLU A 141 -30.93 -2.16 -18.15
C GLU A 141 -30.11 -2.83 -17.06
N GLU A 142 -28.83 -3.16 -17.33
CA GLU A 142 -27.98 -3.79 -16.33
C GLU A 142 -27.23 -2.78 -15.46
N ILE A 143 -27.30 -1.50 -15.80
CA ILE A 143 -26.65 -0.43 -15.05
C ILE A 143 -27.65 0.06 -14.02
N GLN A 144 -27.24 0.02 -12.75
CA GLN A 144 -28.12 0.28 -11.63
C GLN A 144 -27.80 1.63 -11.02
N SER A 145 -28.84 2.43 -10.82
CA SER A 145 -28.71 3.76 -10.22
CA SER A 145 -28.70 3.75 -10.22
C SER A 145 -29.23 3.72 -8.79
N TYR A 146 -28.38 4.06 -7.84
CA TYR A 146 -28.77 4.26 -6.45
C TYR A 146 -27.75 5.21 -5.85
N LYS A 147 -28.08 5.73 -4.69
CA LYS A 147 -27.21 6.66 -3.97
C LYS A 147 -26.62 5.99 -2.74
N LEU A 148 -25.30 6.18 -2.56
CA LEU A 148 -24.64 5.66 -1.37
C LEU A 148 -25.07 6.41 -0.12
N ALA A 149 -25.41 5.67 0.93
CA ALA A 149 -25.89 6.30 2.15
C ALA A 149 -24.84 7.23 2.77
N LEU A 150 -23.55 6.96 2.53
CA LEU A 150 -22.48 7.77 3.10
C LEU A 150 -22.05 8.91 2.18
N SER A 151 -22.89 9.29 1.20
CA SER A 151 -22.51 10.28 0.20
CA SER A 151 -22.50 10.27 0.20
C SER A 151 -22.04 11.59 0.83
N ASP A 152 -22.70 12.02 1.91
CA ASP A 152 -22.34 13.31 2.49
C ASP A 152 -20.91 13.31 3.06
N TYR A 153 -20.36 12.13 3.36
CA TYR A 153 -19.03 11.99 3.93
C TYR A 153 -18.00 11.53 2.91
N ILE A 154 -18.41 11.30 1.66
CA ILE A 154 -17.51 10.93 0.58
C ILE A 154 -17.27 12.10 -0.36
N PHE A 155 -18.33 12.85 -0.68
CA PHE A 155 -18.28 13.95 -1.62
C PHE A 155 -18.35 15.29 -0.90
N GLU A 156 -17.67 16.27 -1.47
CA GLU A 156 -17.81 17.66 -1.06
C GLU A 156 -19.22 18.17 -1.29
N HIS B 8 11.56 -16.82 -17.79
CA HIS B 8 12.86 -16.92 -17.13
C HIS B 8 12.80 -16.33 -15.72
N VAL B 9 13.00 -17.16 -14.69
CA VAL B 9 12.89 -16.73 -13.29
C VAL B 9 14.29 -16.72 -12.68
N GLU B 10 14.42 -15.99 -11.58
CA GLU B 10 15.64 -15.98 -10.80
C GLU B 10 15.27 -16.17 -9.33
N GLN B 11 16.29 -16.33 -8.50
CA GLN B 11 16.10 -16.52 -7.06
C GLN B 11 16.87 -15.45 -6.30
N THR B 12 16.26 -14.94 -5.22
CA THR B 12 16.93 -13.97 -4.37
C THR B 12 16.94 -14.47 -2.94
N TYR B 13 17.91 -14.00 -2.17
CA TYR B 13 17.98 -14.27 -0.74
C TYR B 13 17.31 -13.12 0.00
N LEU B 14 16.27 -13.44 0.78
CA LEU B 14 15.59 -12.51 1.67
C LEU B 14 15.74 -13.01 3.10
N MET B 15 15.99 -12.10 4.03
CA MET B 15 16.19 -12.48 5.43
C MET B 15 15.39 -11.55 6.31
N ILE B 16 14.48 -12.11 7.10
CA ILE B 16 13.78 -11.35 8.12
C ILE B 16 14.71 -11.20 9.30
N LYS B 17 14.99 -9.96 9.67
CA LYS B 17 15.94 -9.62 10.71
C LYS B 17 15.29 -9.80 12.06
N PRO B 18 16.06 -9.72 13.14
CA PRO B 18 15.48 -10.00 14.46
C PRO B 18 14.32 -9.11 14.82
N ASP B 19 14.28 -7.86 14.32
CA ASP B 19 13.12 -7.03 14.63
C ASP B 19 11.86 -7.55 13.97
N GLY B 20 11.97 -8.15 12.78
CA GLY B 20 10.80 -8.78 12.17
C GLY B 20 10.27 -9.96 12.99
N ILE B 21 11.19 -10.76 13.54
CA ILE B 21 10.78 -11.87 14.39
C ILE B 21 10.14 -11.35 15.67
N GLN B 22 10.80 -10.40 16.34
CA GLN B 22 10.37 -9.95 17.66
C GLN B 22 9.09 -9.12 17.60
N ARG B 23 8.88 -8.38 16.52
CA ARG B 23 7.64 -7.65 16.36
C ARG B 23 6.54 -8.57 15.82
N GLN B 24 6.88 -9.83 15.51
CA GLN B 24 5.91 -10.86 15.17
C GLN B 24 5.11 -10.49 13.92
N VAL B 25 5.85 -10.11 12.89
CA VAL B 25 5.28 -9.77 11.59
C VAL B 25 5.82 -10.70 10.49
N VAL B 26 6.32 -11.88 10.86
CA VAL B 26 6.88 -12.80 9.89
C VAL B 26 5.85 -13.16 8.85
N GLY B 27 4.66 -13.56 9.30
CA GLY B 27 3.63 -13.99 8.37
C GLY B 27 3.20 -12.90 7.41
N GLU B 28 3.09 -11.68 7.91
CA GLU B 28 2.73 -10.57 7.05
C GLU B 28 3.79 -10.34 5.96
N ILE B 29 5.07 -10.45 6.33
CA ILE B 29 6.13 -10.27 5.35
C ILE B 29 6.03 -11.34 4.27
N ILE B 30 5.94 -12.60 4.70
CA ILE B 30 5.84 -13.71 3.73
C ILE B 30 4.64 -13.51 2.81
N SER B 31 3.51 -13.10 3.38
CA SER B 31 2.32 -12.90 2.56
C SER B 31 2.53 -11.86 1.46
N ARG B 32 3.35 -10.84 1.71
CA ARG B 32 3.56 -9.84 0.65
C ARG B 32 4.21 -10.46 -0.58
N PHE B 33 5.15 -11.39 -0.37
CA PHE B 33 5.84 -12.03 -1.49
C PHE B 33 4.99 -13.12 -2.13
N GLU B 34 4.27 -13.89 -1.32
CA GLU B 34 3.34 -14.86 -1.88
C GLU B 34 2.26 -14.20 -2.72
N LYS B 35 1.86 -12.98 -2.36
CA LYS B 35 0.77 -12.32 -3.07
C LYS B 35 1.09 -12.09 -4.53
N ARG B 36 2.37 -11.93 -4.88
CA ARG B 36 2.77 -11.76 -6.27
C ARG B 36 3.02 -13.07 -6.98
N GLY B 37 2.76 -14.20 -6.33
CA GLY B 37 3.05 -15.48 -6.96
C GLY B 37 4.52 -15.85 -6.93
N TYR B 38 5.29 -15.25 -6.04
CA TYR B 38 6.65 -15.70 -5.86
C TYR B 38 6.65 -17.02 -5.09
N ARG B 39 7.54 -17.91 -5.48
CA ARG B 39 7.61 -19.26 -4.95
C ARG B 39 8.62 -19.30 -3.81
N ILE B 40 8.22 -19.89 -2.69
CA ILE B 40 9.14 -20.14 -1.60
C ILE B 40 10.01 -21.34 -2.00
N ALA B 41 11.27 -21.10 -2.30
CA ALA B 41 12.17 -22.20 -2.59
C ALA B 41 12.96 -22.67 -1.39
N ALA B 42 13.08 -21.85 -0.35
CA ALA B 42 13.82 -22.23 0.84
C ALA B 42 13.34 -21.34 1.98
N MET B 43 13.36 -21.91 3.19
CA MET B 43 12.91 -21.17 4.36
C MET B 43 13.49 -21.88 5.57
N LYS B 44 14.15 -21.14 6.45
CA LYS B 44 14.77 -21.72 7.64
C LYS B 44 14.88 -20.66 8.73
N LEU B 45 14.49 -21.02 9.94
CA LEU B 45 14.74 -20.19 11.11
C LEU B 45 16.10 -20.58 11.71
N THR B 46 16.94 -19.59 11.95
CA THR B 46 18.20 -19.83 12.66
C THR B 46 18.45 -18.64 13.59
N ILE B 47 19.54 -18.69 14.33
CA ILE B 47 19.98 -17.54 15.13
C ILE B 47 21.30 -17.08 14.53
N ALA B 48 21.31 -15.87 13.97
CA ALA B 48 22.50 -15.32 13.34
C ALA B 48 23.57 -15.07 14.39
N THR B 49 24.80 -15.45 14.06
CA THR B 49 25.95 -15.26 14.92
C THR B 49 26.92 -14.27 14.29
N PRO B 50 27.81 -13.67 15.10
CA PRO B 50 28.78 -12.71 14.54
C PRO B 50 29.62 -13.28 13.39
N ALA B 51 30.07 -14.54 13.49
CA ALA B 51 30.93 -15.08 12.44
C ALA B 51 30.21 -15.15 11.09
N ILE B 52 28.96 -15.63 11.07
CA ILE B 52 28.25 -15.68 9.79
C ILE B 52 27.89 -14.27 9.34
N LEU B 53 27.54 -13.39 10.27
CA LEU B 53 27.16 -12.04 9.88
C LEU B 53 28.35 -11.26 9.33
N GLU B 54 29.56 -11.58 9.79
CA GLU B 54 30.73 -10.92 9.23
C GLU B 54 30.92 -11.28 7.76
N GLU B 55 30.68 -12.54 7.41
CA GLU B 55 30.74 -12.92 6.00
C GLU B 55 29.59 -12.30 5.23
N HIS B 56 28.39 -12.32 5.79
CA HIS B 56 27.25 -11.72 5.11
C HIS B 56 27.53 -10.27 4.76
N TYR B 57 28.06 -9.50 5.71
CA TYR B 57 28.33 -8.07 5.57
C TYR B 57 29.81 -7.79 5.27
N ALA B 58 30.44 -8.68 4.50
CA ALA B 58 31.87 -8.56 4.26
C ALA B 58 32.19 -7.24 3.54
N GLU B 59 31.28 -6.77 2.70
CA GLU B 59 31.53 -5.53 1.98
C GLU B 59 31.70 -4.36 2.95
N HIS B 60 31.08 -4.43 4.12
CA HIS B 60 31.15 -3.36 5.10
C HIS B 60 32.26 -3.56 6.13
N LYS B 61 33.17 -4.48 5.88
CA LYS B 61 34.24 -4.75 6.84
C LYS B 61 35.03 -3.48 7.15
N GLY B 62 35.53 -3.40 8.38
CA GLY B 62 36.38 -2.30 8.80
C GLY B 62 35.67 -1.00 9.11
N LYS B 63 34.41 -0.86 8.73
CA LYS B 63 33.71 0.41 8.88
C LYS B 63 33.25 0.64 10.32
N PRO B 64 33.01 1.91 10.68
CA PRO B 64 32.63 2.19 12.08
C PRO B 64 31.27 1.65 12.45
N PHE B 65 30.33 1.57 11.51
CA PHE B 65 28.96 1.20 11.83
C PHE B 65 28.74 -0.31 11.76
N LEU B 66 29.77 -1.10 11.44
CA LEU B 66 29.55 -2.53 11.33
C LEU B 66 29.34 -3.18 12.68
N PRO B 67 30.11 -2.84 13.71
CA PRO B 67 29.92 -3.55 14.99
C PRO B 67 28.51 -3.43 15.54
N GLY B 68 27.90 -2.25 15.42
CA GLY B 68 26.54 -2.08 15.90
C GLY B 68 25.53 -2.78 15.03
N LEU B 69 25.80 -2.88 13.74
CA LEU B 69 24.97 -3.66 12.85
C LEU B 69 25.02 -5.14 13.23
N ILE B 70 26.22 -5.65 13.49
CA ILE B 70 26.35 -7.06 13.87
CA ILE B 70 26.36 -7.06 13.88
C ILE B 70 25.62 -7.32 15.19
N GLU B 71 25.71 -6.39 16.15
CA GLU B 71 25.00 -6.58 17.41
C GLU B 71 23.50 -6.66 17.19
N LYS B 72 22.97 -5.75 16.36
CA LYS B 72 21.54 -5.73 16.13
C LYS B 72 21.06 -6.95 15.37
N MET B 73 21.92 -7.53 14.54
CA MET B 73 21.55 -8.69 13.72
C MET B 73 21.78 -10.01 14.50
N THR B 74 22.40 -9.94 15.68
CA THR B 74 22.65 -11.15 16.46
C THR B 74 21.37 -11.51 17.18
N GLY B 75 20.64 -12.44 16.61
CA GLY B 75 19.30 -12.74 17.02
C GLY B 75 18.68 -13.73 16.06
N PRO B 76 17.46 -14.16 16.36
CA PRO B 76 16.74 -15.02 15.43
C PRO B 76 16.52 -14.29 14.11
N VAL B 77 16.68 -15.03 13.01
CA VAL B 77 16.37 -14.52 11.67
C VAL B 77 15.65 -15.62 10.90
N LEU B 78 14.85 -15.22 9.91
CA LEU B 78 14.25 -16.17 8.98
C LEU B 78 14.96 -16.02 7.63
N CYS B 79 15.74 -17.04 7.28
CA CYS B 79 16.39 -17.10 5.99
C CYS B 79 15.38 -17.59 4.95
N MET B 80 15.32 -16.92 3.81
CA MET B 80 14.34 -17.25 2.78
C MET B 80 14.97 -17.16 1.41
N VAL B 81 14.48 -17.99 0.49
CA VAL B 81 14.78 -17.84 -0.93
C VAL B 81 13.45 -17.80 -1.66
N PHE B 82 13.23 -16.73 -2.44
CA PHE B 82 12.03 -16.60 -3.25
C PHE B 82 12.42 -16.60 -4.72
N GLU B 83 11.54 -17.17 -5.54
CA GLU B 83 11.75 -17.28 -6.98
C GLU B 83 10.66 -16.56 -7.76
N GLY B 84 11.06 -15.85 -8.81
CA GLY B 84 10.10 -15.13 -9.62
C GLY B 84 10.81 -14.40 -10.73
N VAL B 85 10.01 -13.80 -11.61
CA VAL B 85 10.54 -12.98 -12.69
C VAL B 85 11.16 -11.73 -12.07
N ASP B 86 12.44 -11.48 -12.37
CA ASP B 86 13.07 -10.24 -11.94
C ASP B 86 12.98 -10.08 -10.42
N VAL B 87 12.98 -11.20 -9.68
CA VAL B 87 12.65 -11.14 -8.26
C VAL B 87 13.75 -10.45 -7.44
N ILE B 88 15.00 -10.44 -7.90
CA ILE B 88 16.03 -9.74 -7.14
C ILE B 88 15.70 -8.26 -7.06
N ALA B 89 15.51 -7.61 -8.23
CA ALA B 89 15.20 -6.19 -8.23
C ALA B 89 13.82 -5.92 -7.66
N GLN B 90 12.86 -6.79 -7.93
CA GLN B 90 11.51 -6.54 -7.44
C GLN B 90 11.44 -6.62 -5.93
N ALA B 91 12.14 -7.59 -5.34
CA ALA B 91 12.10 -7.69 -3.88
C ALA B 91 12.73 -6.46 -3.25
N ARG B 92 13.80 -5.94 -3.86
CA ARG B 92 14.40 -4.69 -3.37
C ARG B 92 13.40 -3.54 -3.43
N LYS B 93 12.65 -3.46 -4.54
CA LYS B 93 11.66 -2.42 -4.69
C LYS B 93 10.56 -2.56 -3.62
N MET B 94 10.14 -3.79 -3.35
CA MET B 94 9.09 -4.02 -2.37
C MET B 94 9.55 -3.69 -0.95
N MET B 95 10.83 -3.95 -0.65
CA MET B 95 11.37 -3.60 0.66
C MET B 95 11.41 -2.09 0.85
N GLY B 96 11.72 -1.37 -0.20
CA GLY B 96 11.95 0.06 -0.12
C GLY B 96 13.35 0.45 0.35
N SER B 97 13.57 1.76 0.32
CA SER B 97 14.86 2.34 0.70
CA SER B 97 14.87 2.31 0.67
C SER B 97 15.35 1.86 2.05
N THR B 98 16.67 1.77 2.19
CA THR B 98 17.31 1.39 3.45
C THR B 98 16.79 2.22 4.61
N ARG B 99 16.66 3.52 4.40
CA ARG B 99 16.14 4.44 5.40
C ARG B 99 14.63 4.46 5.27
N PRO B 100 13.87 3.96 6.26
CA PRO B 100 12.41 3.89 6.10
C PRO B 100 11.76 5.22 5.80
N GLY B 101 12.31 6.32 6.32
CA GLY B 101 11.71 7.62 6.07
C GLY B 101 11.78 8.08 4.63
N GLU B 102 12.69 7.49 3.85
CA GLU B 102 12.82 7.78 2.43
C GLU B 102 12.12 6.76 1.56
N ALA B 103 11.64 5.67 2.15
CA ALA B 103 11.02 4.59 1.41
C ALA B 103 9.61 4.98 0.94
N ALA B 104 9.23 4.44 -0.21
CA ALA B 104 7.96 4.80 -0.81
C ALA B 104 6.79 4.22 -0.03
N PRO B 105 5.66 4.92 0.05
CA PRO B 105 4.48 4.33 0.66
C PRO B 105 4.16 2.99 0.00
N GLY B 106 3.74 2.02 0.79
CA GLY B 106 3.43 0.71 0.28
C GLY B 106 4.58 -0.27 0.27
N THR B 107 5.79 0.18 0.58
CA THR B 107 6.91 -0.73 0.75
C THR B 107 6.96 -1.22 2.19
N ILE B 108 7.71 -2.33 2.39
CA ILE B 108 7.80 -2.93 3.72
C ILE B 108 8.40 -1.94 4.70
N ARG B 109 9.52 -1.31 4.34
CA ARG B 109 10.17 -0.44 5.32
C ARG B 109 9.34 0.79 5.63
N ALA B 110 8.66 1.35 4.63
CA ALA B 110 7.82 2.52 4.89
C ALA B 110 6.61 2.16 5.75
N ASP B 111 6.06 0.97 5.54
CA ASP B 111 4.82 0.57 6.22
C ASP B 111 5.08 0.10 7.65
N PHE B 112 6.28 -0.39 7.94
CA PHE B 112 6.57 -1.02 9.21
C PHE B 112 7.63 -0.33 10.07
N CYS B 113 8.47 0.56 9.52
CA CYS B 113 9.70 0.92 10.21
C CYS B 113 9.93 2.42 10.30
N GLN B 114 10.92 2.78 11.12
CA GLN B 114 11.31 4.17 11.36
C GLN B 114 12.75 4.49 11.00
N GLN B 115 13.69 3.61 11.29
CA GLN B 115 15.10 3.91 11.13
C GLN B 115 15.86 2.78 10.45
N ALA B 116 16.97 3.15 9.79
CA ALA B 116 17.73 2.17 8.99
C ALA B 116 18.24 1.00 9.86
N GLY B 117 18.62 1.26 11.09
CA GLY B 117 19.17 0.21 11.92
C GLY B 117 18.17 -0.84 12.35
N ARG B 118 16.89 -0.56 12.20
CA ARG B 118 15.82 -1.50 12.50
C ARG B 118 14.85 -1.48 11.32
N ASN B 119 15.26 -2.06 10.19
CA ASN B 119 14.48 -1.96 8.96
C ASN B 119 14.03 -3.31 8.43
N LEU B 120 13.88 -4.28 9.35
CA LEU B 120 13.01 -5.45 9.26
C LEU B 120 13.54 -6.59 8.40
N ILE B 121 14.20 -6.28 7.29
CA ILE B 121 14.40 -7.29 6.27
C ILE B 121 15.61 -6.92 5.44
N HIS B 122 16.29 -7.93 4.93
CA HIS B 122 17.38 -7.82 3.99
C HIS B 122 17.01 -8.54 2.69
N GLY B 123 17.45 -7.99 1.56
CA GLY B 123 17.31 -8.65 0.27
C GLY B 123 18.57 -8.47 -0.57
N SER B 124 18.95 -9.52 -1.30
CA SER B 124 20.13 -9.45 -2.18
C SER B 124 20.02 -8.26 -3.13
N ASP B 125 21.16 -7.60 -3.37
CA ASP B 125 21.14 -6.40 -4.22
C ASP B 125 21.50 -6.69 -5.67
N SER B 126 21.87 -7.93 -6.00
CA SER B 126 22.33 -8.24 -7.35
C SER B 126 22.33 -9.75 -7.52
N ALA B 127 22.47 -10.19 -8.76
CA ALA B 127 22.65 -11.62 -9.04
C ALA B 127 23.85 -12.18 -8.29
N GLU B 128 24.97 -11.44 -8.30
CA GLU B 128 26.18 -11.94 -7.65
C GLU B 128 25.97 -12.08 -6.15
N SER B 129 25.34 -11.09 -5.52
CA SER B 129 25.13 -11.17 -4.08
CA SER B 129 25.12 -11.16 -4.08
C SER B 129 24.10 -12.23 -3.73
N ALA B 130 23.13 -12.47 -4.60
CA ALA B 130 22.14 -13.51 -4.33
C ALA B 130 22.81 -14.88 -4.32
N LYS B 131 23.64 -15.17 -5.32
CA LYS B 131 24.36 -16.45 -5.35
C LYS B 131 25.19 -16.60 -4.08
N ARG B 132 25.97 -15.57 -3.74
CA ARG B 132 26.84 -15.64 -2.58
C ARG B 132 26.05 -15.82 -1.29
N GLU B 133 24.95 -15.05 -1.14
CA GLU B 133 24.19 -15.07 0.11
C GLU B 133 23.43 -16.38 0.28
N ILE B 134 22.87 -16.92 -0.80
CA ILE B 134 22.18 -18.20 -0.70
C ILE B 134 23.17 -19.27 -0.29
N SER B 135 24.40 -19.23 -0.82
CA SER B 135 25.38 -20.23 -0.48
C SER B 135 25.86 -20.10 0.96
N LEU B 136 25.87 -18.88 1.49
CA LEU B 136 26.34 -18.67 2.86
C LEU B 136 25.33 -19.18 3.87
N TRP B 137 24.05 -18.91 3.65
CA TRP B 137 23.04 -19.21 4.65
C TRP B 137 22.34 -20.54 4.47
N PHE B 138 22.37 -21.14 3.28
CA PHE B 138 21.68 -22.40 3.04
C PHE B 138 22.65 -23.46 2.54
N LYS B 139 22.40 -24.72 2.96
CA LYS B 139 22.93 -25.90 2.29
C LYS B 139 22.09 -26.20 1.06
N PRO B 140 22.67 -26.82 0.03
CA PRO B 140 21.89 -27.07 -1.21
C PRO B 140 20.64 -27.90 -1.00
N GLU B 141 20.65 -28.91 -0.12
CA GLU B 141 19.47 -29.75 0.02
C GLU B 141 18.27 -28.94 0.49
N GLU B 142 18.51 -27.77 1.08
CA GLU B 142 17.45 -26.96 1.64
C GLU B 142 16.78 -26.09 0.60
N ILE B 143 17.30 -26.05 -0.61
CA ILE B 143 16.66 -25.35 -1.72
C ILE B 143 15.80 -26.37 -2.44
N GLN B 144 14.50 -26.12 -2.47
CA GLN B 144 13.52 -27.10 -2.93
C GLN B 144 13.04 -26.70 -4.31
N SER B 145 12.97 -27.67 -5.22
CA SER B 145 12.49 -27.46 -6.57
CA SER B 145 12.49 -27.46 -6.57
C SER B 145 11.10 -28.06 -6.71
N TYR B 146 10.12 -27.22 -7.04
CA TYR B 146 8.76 -27.64 -7.32
C TYR B 146 8.14 -26.51 -8.14
N LYS B 147 6.97 -26.78 -8.72
CA LYS B 147 6.29 -25.85 -9.60
C LYS B 147 4.99 -25.38 -9.00
N LEU B 148 4.70 -24.08 -9.10
CA LEU B 148 3.44 -23.57 -8.59
C LEU B 148 2.29 -23.93 -9.52
N ALA B 149 1.23 -24.50 -8.94
CA ALA B 149 0.08 -24.92 -9.74
C ALA B 149 -0.61 -23.76 -10.44
N LEU B 150 -0.49 -22.53 -9.94
CA LEU B 150 -1.07 -21.38 -10.61
C LEU B 150 -0.14 -20.75 -11.66
N SER B 151 0.92 -21.45 -12.07
CA SER B 151 1.90 -20.89 -12.99
CA SER B 151 1.90 -20.87 -12.99
C SER B 151 1.25 -20.29 -14.24
N ASP B 152 0.25 -20.98 -14.80
CA ASP B 152 -0.36 -20.50 -16.05
C ASP B 152 -1.04 -19.13 -15.89
N TYR B 153 -1.36 -18.72 -14.68
CA TYR B 153 -2.03 -17.46 -14.39
C TYR B 153 -1.10 -16.45 -13.77
N ILE B 154 0.16 -16.81 -13.54
CA ILE B 154 1.15 -15.88 -13.01
C ILE B 154 2.13 -15.43 -14.09
N PHE B 155 2.51 -16.36 -14.98
CA PHE B 155 3.50 -16.09 -16.01
C PHE B 155 2.86 -16.01 -17.39
N GLU B 156 3.47 -15.19 -18.24
CA GLU B 156 3.17 -15.14 -19.66
C GLU B 156 3.50 -16.43 -20.36
N HIS C 8 16.11 10.37 18.80
CA HIS C 8 15.29 11.52 19.16
C HIS C 8 13.91 11.47 18.51
N VAL C 9 12.86 11.40 19.31
CA VAL C 9 11.50 11.34 18.80
C VAL C 9 10.85 12.71 18.92
N GLU C 10 9.76 12.89 18.18
CA GLU C 10 8.91 14.05 18.32
C GLU C 10 7.46 13.58 18.35
N GLN C 11 6.56 14.53 18.56
CA GLN C 11 5.13 14.26 18.66
C GLN C 11 4.38 15.11 17.65
N THR C 12 3.37 14.52 17.02
CA THR C 12 2.55 15.23 16.06
C THR C 12 1.09 15.11 16.44
N TYR C 13 0.30 16.12 16.03
CA TYR C 13 -1.14 16.10 16.24
C TYR C 13 -1.83 15.52 14.99
N LEU C 14 -2.57 14.43 15.19
CA LEU C 14 -3.36 13.82 14.13
C LEU C 14 -4.81 13.81 14.54
N MET C 15 -5.70 14.12 13.60
CA MET C 15 -7.13 14.23 13.91
C MET C 15 -7.94 13.48 12.86
N ILE C 16 -8.71 12.50 13.30
CA ILE C 16 -9.65 11.85 12.39
C ILE C 16 -10.87 12.74 12.25
N LYS C 17 -11.15 13.15 11.01
CA LYS C 17 -12.24 14.07 10.72
C LYS C 17 -13.58 13.34 10.80
N PRO C 18 -14.69 14.09 10.74
CA PRO C 18 -16.00 13.43 10.89
C PRO C 18 -16.27 12.34 9.87
N ASP C 19 -15.74 12.45 8.65
CA ASP C 19 -15.92 11.39 7.67
C ASP C 19 -15.20 10.11 8.07
N GLY C 20 -14.05 10.20 8.75
CA GLY C 20 -13.41 8.99 9.23
C GLY C 20 -14.21 8.30 10.31
N ILE C 21 -14.83 9.09 11.19
CA ILE C 21 -15.70 8.54 12.22
C ILE C 21 -16.91 7.86 11.58
N GLN C 22 -17.60 8.60 10.69
CA GLN C 22 -18.87 8.14 10.12
C GLN C 22 -18.70 6.98 9.16
N ARG C 23 -17.59 6.92 8.44
CA ARG C 23 -17.29 5.77 7.58
C ARG C 23 -16.71 4.60 8.37
N GLN C 24 -16.50 4.80 9.67
CA GLN C 24 -16.15 3.75 10.62
C GLN C 24 -14.84 3.07 10.23
N VAL C 25 -13.83 3.91 9.94
CA VAL C 25 -12.48 3.45 9.65
C VAL C 25 -11.46 3.92 10.70
N VAL C 26 -11.94 4.29 11.90
CA VAL C 26 -11.04 4.76 12.95
C VAL C 26 -9.96 3.72 13.25
N GLY C 27 -10.36 2.47 13.45
CA GLY C 27 -9.40 1.43 13.79
C GLY C 27 -8.38 1.21 12.69
N GLU C 28 -8.81 1.23 11.42
CA GLU C 28 -7.86 1.07 10.33
C GLU C 28 -6.83 2.21 10.30
N ILE C 29 -7.28 3.44 10.57
CA ILE C 29 -6.36 4.57 10.59
C ILE C 29 -5.32 4.39 11.69
N ILE C 30 -5.79 4.08 12.90
CA ILE C 30 -4.87 3.92 14.01
C ILE C 30 -3.88 2.80 13.70
N SER C 31 -4.35 1.68 13.12
CA SER C 31 -3.46 0.57 12.84
C SER C 31 -2.32 0.96 11.91
N ARG C 32 -2.55 1.90 10.98
CA ARG C 32 -1.47 2.28 10.08
C ARG C 32 -0.32 2.93 10.83
N PHE C 33 -0.64 3.74 11.84
CA PHE C 33 0.40 4.40 12.60
C PHE C 33 1.03 3.45 13.62
N GLU C 34 0.22 2.59 14.26
CA GLU C 34 0.79 1.59 15.16
C GLU C 34 1.74 0.67 14.43
N LYS C 35 1.47 0.43 13.14
CA LYS C 35 2.24 -0.53 12.38
C LYS C 35 3.71 -0.14 12.27
N ARG C 36 4.01 1.16 12.32
CA ARG C 36 5.41 1.61 12.27
C ARG C 36 6.05 1.73 13.64
N GLY C 37 5.35 1.30 14.69
CA GLY C 37 5.89 1.49 16.01
C GLY C 37 5.71 2.88 16.56
N TYR C 38 4.81 3.67 15.98
CA TYR C 38 4.50 4.95 16.56
C TYR C 38 3.68 4.75 17.83
N ARG C 39 3.96 5.57 18.83
CA ARG C 39 3.38 5.43 20.16
C ARG C 39 2.20 6.38 20.32
N ILE C 40 1.05 5.82 20.73
CA ILE C 40 -0.09 6.66 21.09
C ILE C 40 0.25 7.39 22.39
N ALA C 41 0.43 8.71 22.30
CA ALA C 41 0.67 9.53 23.48
C ALA C 41 -0.58 10.21 23.98
N ALA C 42 -1.59 10.37 23.14
CA ALA C 42 -2.83 10.97 23.62
C ALA C 42 -3.94 10.60 22.64
N MET C 43 -5.16 10.56 23.15
CA MET C 43 -6.29 10.18 22.32
C MET C 43 -7.57 10.63 23.01
N LYS C 44 -8.47 11.26 22.25
CA LYS C 44 -9.71 11.78 22.81
C LYS C 44 -10.75 11.95 21.71
N LEU C 45 -11.93 11.38 21.90
CA LEU C 45 -13.06 11.67 21.03
C LEU C 45 -13.78 12.90 21.56
N THR C 46 -14.05 13.86 20.67
CA THR C 46 -14.82 15.04 21.04
C THR C 46 -15.71 15.43 19.86
N ILE C 47 -16.55 16.45 20.05
CA ILE C 47 -17.33 17.01 18.95
C ILE C 47 -16.80 18.40 18.68
N ALA C 48 -16.16 18.59 17.53
CA ALA C 48 -15.50 19.85 17.23
C ALA C 48 -16.54 20.96 17.12
N THR C 49 -16.19 22.14 17.64
CA THR C 49 -17.02 23.33 17.58
C THR C 49 -16.42 24.36 16.64
N PRO C 50 -17.23 25.27 16.09
CA PRO C 50 -16.65 26.33 15.25
C PRO C 50 -15.58 27.13 15.96
N ALA C 51 -15.75 27.43 17.25
CA ALA C 51 -14.76 28.26 17.93
C ALA C 51 -13.37 27.62 17.89
N ILE C 52 -13.27 26.33 18.27
CA ILE C 52 -11.94 25.72 18.29
C ILE C 52 -11.44 25.49 16.87
N LEU C 53 -12.35 25.22 15.93
CA LEU C 53 -11.94 25.02 14.55
C LEU C 53 -11.42 26.30 13.92
N GLU C 54 -11.98 27.45 14.30
CA GLU C 54 -11.43 28.71 13.81
C GLU C 54 -9.98 28.89 14.24
N GLU C 55 -9.66 28.49 15.47
CA GLU C 55 -8.29 28.61 15.96
C GLU C 55 -7.40 27.55 15.33
N HIS C 56 -7.93 26.35 15.17
CA HIS C 56 -7.17 25.28 14.52
C HIS C 56 -6.74 25.71 13.14
N TYR C 57 -7.68 26.26 12.37
CA TYR C 57 -7.46 26.64 10.98
C TYR C 57 -7.24 28.14 10.81
N ALA C 58 -6.65 28.79 11.83
CA ALA C 58 -6.39 30.23 11.75
C ALA C 58 -5.59 30.62 10.52
N GLU C 59 -4.68 29.75 10.05
CA GLU C 59 -3.87 30.10 8.89
C GLU C 59 -4.72 30.34 7.65
N HIS C 60 -5.94 29.80 7.60
CA HIS C 60 -6.80 29.94 6.44
C HIS C 60 -7.81 31.06 6.61
N LYS C 61 -7.72 31.84 7.68
CA LYS C 61 -8.60 32.98 7.91
C LYS C 61 -8.72 33.85 6.66
N GLY C 62 -9.94 34.32 6.40
CA GLY C 62 -10.25 35.13 5.24
C GLY C 62 -10.38 34.37 3.94
N LYS C 63 -9.91 33.12 3.89
CA LYS C 63 -9.90 32.37 2.65
C LYS C 63 -11.31 32.00 2.23
N PRO C 64 -11.48 31.62 0.95
CA PRO C 64 -12.85 31.35 0.48
C PRO C 64 -13.43 30.07 1.04
N PHE C 65 -12.63 29.01 1.17
CA PHE C 65 -13.18 27.74 1.59
C PHE C 65 -13.32 27.61 3.11
N LEU C 66 -12.94 28.62 3.89
CA LEU C 66 -12.91 28.41 5.34
C LEU C 66 -14.30 28.12 5.91
N PRO C 67 -15.34 28.92 5.65
CA PRO C 67 -16.62 28.64 6.32
C PRO C 67 -17.15 27.25 6.04
N GLY C 68 -16.99 26.75 4.81
CA GLY C 68 -17.42 25.40 4.50
C GLY C 68 -16.54 24.34 5.12
N LEU C 69 -15.23 24.60 5.23
CA LEU C 69 -14.37 23.69 5.96
C LEU C 69 -14.81 23.56 7.42
N ILE C 70 -15.11 24.69 8.06
CA ILE C 70 -15.56 24.64 9.45
CA ILE C 70 -15.57 24.64 9.45
C ILE C 70 -16.85 23.84 9.56
N GLU C 71 -17.77 24.04 8.61
CA GLU C 71 -19.04 23.32 8.64
C GLU C 71 -18.82 21.82 8.52
N LYS C 72 -18.00 21.39 7.56
CA LYS C 72 -17.77 19.96 7.38
C LYS C 72 -17.10 19.35 8.60
N MET C 73 -16.32 20.14 9.33
CA MET C 73 -15.56 19.67 10.48
C MET C 73 -16.35 19.76 11.78
N THR C 74 -17.53 20.36 11.76
CA THR C 74 -18.36 20.46 12.97
C THR C 74 -19.06 19.13 13.12
N GLY C 75 -18.44 18.26 13.89
CA GLY C 75 -18.94 16.93 14.15
C GLY C 75 -17.94 16.16 14.98
N PRO C 76 -18.16 14.85 15.16
CA PRO C 76 -17.25 14.04 15.97
C PRO C 76 -15.89 13.96 15.31
N VAL C 77 -14.83 14.11 16.10
CA VAL C 77 -13.46 13.94 15.64
C VAL C 77 -12.71 13.13 16.69
N LEU C 78 -11.66 12.43 16.26
CA LEU C 78 -10.75 11.74 17.17
C LEU C 78 -9.42 12.48 17.18
N CYS C 79 -9.14 13.16 18.29
CA CYS C 79 -7.87 13.85 18.52
C CYS C 79 -6.81 12.83 18.93
N MET C 80 -5.64 12.92 18.32
CA MET C 80 -4.59 11.93 18.58
C MET C 80 -3.24 12.63 18.64
N VAL C 81 -2.35 12.11 19.48
CA VAL C 81 -0.94 12.46 19.46
C VAL C 81 -0.14 11.17 19.31
N PHE C 82 0.71 11.14 18.27
CA PHE C 82 1.58 10.00 18.02
C PHE C 82 3.02 10.46 18.13
N GLU C 83 3.86 9.59 18.68
CA GLU C 83 5.27 9.84 18.89
C GLU C 83 6.13 8.88 18.08
N GLY C 84 7.15 9.42 17.45
CA GLY C 84 8.11 8.61 16.73
C GLY C 84 9.19 9.48 16.13
N VAL C 85 10.16 8.81 15.50
CA VAL C 85 11.24 9.50 14.81
C VAL C 85 10.65 10.23 13.60
N ASP C 86 10.88 11.55 13.51
CA ASP C 86 10.45 12.32 12.34
C ASP C 86 8.95 12.18 12.09
N VAL C 87 8.16 11.97 13.15
CA VAL C 87 6.79 11.55 12.95
C VAL C 87 5.95 12.64 12.34
N ILE C 88 6.31 13.91 12.50
CA ILE C 88 5.52 14.98 11.88
C ILE C 88 5.55 14.84 10.37
N ALA C 89 6.75 14.82 9.80
CA ALA C 89 6.87 14.71 8.33
C ALA C 89 6.41 13.35 7.85
N GLN C 90 6.69 12.29 8.63
CA GLN C 90 6.31 10.97 8.18
C GLN C 90 4.81 10.79 8.19
N ALA C 91 4.12 11.29 9.20
CA ALA C 91 2.67 11.15 9.19
C ALA C 91 2.06 11.91 8.02
N ARG C 92 2.63 13.07 7.67
CA ARG C 92 2.14 13.79 6.49
C ARG C 92 2.34 12.97 5.22
N LYS C 93 3.46 12.28 5.11
CA LYS C 93 3.70 11.42 3.95
C LYS C 93 2.71 10.28 3.89
N MET C 94 2.40 9.71 5.05
CA MET C 94 1.46 8.59 5.10
C MET C 94 0.04 9.04 4.79
N MET C 95 -0.30 10.27 5.12
CA MET C 95 -1.64 10.82 4.84
C MET C 95 -1.77 11.07 3.33
N GLY C 96 -0.73 11.53 2.68
CA GLY C 96 -0.78 11.87 1.27
C GLY C 96 -1.29 13.29 1.05
N SER C 97 -1.23 13.71 -0.21
CA SER C 97 -1.60 15.06 -0.60
C SER C 97 -3.03 15.42 -0.21
N THR C 98 -3.27 16.72 -0.06
CA THR C 98 -4.57 17.25 0.32
C THR C 98 -5.67 16.71 -0.58
N ARG C 99 -5.42 16.75 -1.89
CA ARG C 99 -6.36 16.22 -2.87
C ARG C 99 -6.14 14.72 -3.03
N PRO C 100 -7.09 13.87 -2.63
CA PRO C 100 -6.87 12.42 -2.75
C PRO C 100 -6.46 11.98 -4.13
N GLY C 101 -6.95 12.64 -5.18
CA GLY C 101 -6.62 12.21 -6.53
C GLY C 101 -5.17 12.43 -6.90
N GLU C 102 -4.48 13.35 -6.20
CA GLU C 102 -3.07 13.57 -6.36
C GLU C 102 -2.19 12.83 -5.38
N ALA C 103 -2.77 12.17 -4.37
CA ALA C 103 -2.01 11.48 -3.35
C ALA C 103 -1.47 10.16 -3.87
N ALA C 104 -0.31 9.76 -3.36
CA ALA C 104 0.37 8.59 -3.86
C ALA C 104 -0.37 7.32 -3.44
N PRO C 105 -0.40 6.28 -4.29
CA PRO C 105 -0.96 5.00 -3.87
C PRO C 105 -0.31 4.54 -2.58
N GLY C 106 -1.10 3.98 -1.68
CA GLY C 106 -0.61 3.53 -0.41
C GLY C 106 -0.72 4.54 0.71
N THR C 107 -1.09 5.78 0.41
CA THR C 107 -1.37 6.77 1.42
C THR C 107 -2.83 6.68 1.87
N ILE C 108 -3.11 7.23 3.06
CA ILE C 108 -4.48 7.19 3.58
C ILE C 108 -5.44 7.88 2.60
N ARG C 109 -5.11 9.09 2.18
CA ARG C 109 -6.08 9.81 1.36
C ARG C 109 -6.29 9.14 0.01
N ALA C 110 -5.23 8.59 -0.59
CA ALA C 110 -5.39 7.88 -1.86
C ALA C 110 -6.16 6.57 -1.68
N ASP C 111 -6.00 5.92 -0.54
CA ASP C 111 -6.61 4.60 -0.40
C ASP C 111 -8.07 4.69 0.01
N PHE C 112 -8.48 5.79 0.66
CA PHE C 112 -9.82 5.91 1.22
C PHE C 112 -10.71 6.98 0.60
N CYS C 113 -10.17 7.98 -0.11
CA CYS C 113 -10.95 9.18 -0.37
C CYS C 113 -10.94 9.58 -1.85
N GLN C 114 -11.78 10.57 -2.14
CA GLN C 114 -11.98 11.09 -3.49
C GLN C 114 -11.71 12.58 -3.62
N GLN C 115 -12.14 13.38 -2.65
CA GLN C 115 -12.09 14.83 -2.76
C GLN C 115 -11.48 15.46 -1.52
N ALA C 116 -10.87 16.64 -1.73
CA ALA C 116 -10.16 17.31 -0.64
C ALA C 116 -11.09 17.66 0.51
N GLY C 117 -12.34 18.03 0.22
CA GLY C 117 -13.24 18.40 1.31
C GLY C 117 -13.66 17.26 2.21
N ARG C 118 -13.38 16.02 1.80
CA ARG C 118 -13.68 14.84 2.61
C ARG C 118 -12.46 13.93 2.52
N ASN C 119 -11.37 14.32 3.19
CA ASN C 119 -10.10 13.61 3.08
C ASN C 119 -9.61 13.03 4.40
N LEU C 120 -10.56 12.72 5.29
CA LEU C 120 -10.45 11.73 6.36
C LEU C 120 -9.68 12.13 7.60
N ILE C 121 -8.58 12.87 7.43
CA ILE C 121 -7.63 13.05 8.51
C ILE C 121 -6.89 14.37 8.34
N HIS C 122 -6.54 14.95 9.48
CA HIS C 122 -5.65 16.09 9.58
C HIS C 122 -4.36 15.67 10.27
N GLY C 123 -3.24 16.23 9.82
CA GLY C 123 -1.99 16.09 10.54
C GLY C 123 -1.17 17.39 10.58
N SER C 124 -0.49 17.66 11.68
CA SER C 124 0.35 18.84 11.78
C SER C 124 1.36 18.86 10.64
N ASP C 125 1.67 20.06 10.13
CA ASP C 125 2.56 20.12 8.98
C ASP C 125 3.99 20.53 9.33
N SER C 126 4.30 20.85 10.59
CA SER C 126 5.61 21.33 10.97
C SER C 126 5.78 21.20 12.48
N ALA C 127 7.01 21.38 12.95
CA ALA C 127 7.26 21.33 14.39
C ALA C 127 6.47 22.42 15.13
N GLU C 128 6.40 23.62 14.56
CA GLU C 128 5.67 24.71 15.22
C GLU C 128 4.18 24.40 15.28
N SER C 129 3.61 23.95 14.14
CA SER C 129 2.18 23.66 14.14
CA SER C 129 2.19 23.63 14.10
C SER C 129 1.86 22.47 15.04
N ALA C 130 2.75 21.48 15.13
CA ALA C 130 2.45 20.36 16.01
C ALA C 130 2.38 20.82 17.47
N LYS C 131 3.33 21.64 17.91
CA LYS C 131 3.29 22.15 19.28
C LYS C 131 2.01 22.94 19.52
N ARG C 132 1.63 23.80 18.57
CA ARG C 132 0.45 24.63 18.75
C ARG C 132 -0.81 23.77 18.79
N GLU C 133 -0.92 22.82 17.86
CA GLU C 133 -2.14 22.02 17.75
C GLU C 133 -2.29 21.06 18.92
N ILE C 134 -1.20 20.44 19.37
CA ILE C 134 -1.31 19.58 20.54
C ILE C 134 -1.83 20.38 21.73
N SER C 135 -1.26 21.58 21.93
CA SER C 135 -1.70 22.41 23.05
C SER C 135 -3.13 22.89 22.91
N LEU C 136 -3.60 23.09 21.67
CA LEU C 136 -4.96 23.54 21.44
C LEU C 136 -5.98 22.49 21.85
N TRP C 137 -5.72 21.24 21.47
CA TRP C 137 -6.70 20.18 21.65
C TRP C 137 -6.51 19.35 22.92
N PHE C 138 -5.34 19.41 23.54
CA PHE C 138 -5.06 18.62 24.73
C PHE C 138 -4.50 19.50 25.85
N LYS C 139 -4.94 19.24 27.08
CA LYS C 139 -4.22 19.80 28.23
C LYS C 139 -2.99 18.94 28.53
N PRO C 140 -1.98 19.51 29.18
CA PRO C 140 -0.76 18.71 29.43
C PRO C 140 -1.01 17.42 30.19
N GLU C 141 -2.01 17.40 31.05
CA GLU C 141 -2.34 16.22 31.89
C GLU C 141 -2.86 15.07 31.02
N GLU C 142 -3.29 15.38 29.80
CA GLU C 142 -3.84 14.35 28.92
C GLU C 142 -2.79 13.66 28.07
N ILE C 143 -1.56 14.15 28.12
CA ILE C 143 -0.45 13.58 27.34
C ILE C 143 0.26 12.55 28.22
N GLN C 144 0.33 11.32 27.74
CA GLN C 144 0.77 10.18 28.54
C GLN C 144 2.16 9.74 28.12
N SER C 145 3.06 9.61 29.11
CA SER C 145 4.43 9.17 28.87
CA SER C 145 4.43 9.17 28.86
C SER C 145 4.60 7.74 29.33
N TYR C 146 4.97 6.86 28.40
CA TYR C 146 5.35 5.48 28.70
C TYR C 146 6.28 5.04 27.58
N LYS C 147 6.96 3.93 27.83
CA LYS C 147 7.91 3.37 26.88
C LYS C 147 7.33 2.14 26.21
N LEU C 148 7.45 2.06 24.87
CA LEU C 148 7.06 0.85 24.16
C LEU C 148 8.02 -0.30 24.47
N ALA C 149 7.45 -1.46 24.79
CA ALA C 149 8.27 -2.61 25.17
C ALA C 149 9.12 -3.12 24.02
N LEU C 150 8.72 -2.87 22.77
CA LEU C 150 9.49 -3.22 21.59
C LEU C 150 10.48 -2.13 21.16
N SER C 151 10.75 -1.13 22.01
CA SER C 151 11.64 -0.03 21.65
CA SER C 151 11.63 -0.03 21.64
C SER C 151 12.96 -0.52 21.08
N ASP C 152 13.55 -1.57 21.69
CA ASP C 152 14.87 -2.00 21.22
C ASP C 152 14.84 -2.46 19.77
N TYR C 153 13.67 -2.86 19.27
CA TYR C 153 13.52 -3.38 17.92
C TYR C 153 12.88 -2.38 16.99
N ILE C 154 12.55 -1.18 17.50
CA ILE C 154 12.01 -0.11 16.66
C ILE C 154 13.06 0.96 16.38
N PHE C 155 13.87 1.29 17.39
CA PHE C 155 14.82 2.40 17.31
C PHE C 155 16.26 1.90 17.24
N GLU C 156 17.07 2.62 16.49
CA GLU C 156 18.52 2.42 16.51
C GLU C 156 19.06 2.73 17.90
#